data_7TZA
#
_entry.id   7TZA
#
_cell.length_a   61.109
_cell.length_b   61.109
_cell.length_c   146.306
_cell.angle_alpha   90.000
_cell.angle_beta   90.000
_cell.angle_gamma   120.000
#
_symmetry.space_group_name_H-M   'P 32 2 1'
#
loop_
_entity.id
_entity.type
_entity.pdbx_description
1 polymer 'Quinolone signal response protein'
2 non-polymer 'FE (III) ION'
3 non-polymer N-{4-[(2,2-dimethylpropyl)carbamamido]phenyl}-1H-indazole-7-carboxamide
4 non-polymer 1,2-ETHANEDIOL
5 water water
#
_entity_poly.entity_id   1
_entity_poly.type   'polypeptide(L)'
_entity_poly.pdbx_seq_one_letter_code
;GSHMLRLSAPGQLDDDLCLLGDVQVPVFLLRLGEASWALVEGGISRDAELVWADLCRWVADPSQVHYWLITHKHYDHCGL
LPYLCPRLPNVQVLASERTCQAWKSESAVRVVERLNRQLLRAEQRLPEACAWDALPVRAVADGEWLELGPRHRLQVIEAH
GHSDDHVVFYDVRRRRLFCGDALGEFDEAEGVWRPLVFDDMEAYLESLERLQRLPTLLQLIPGHGGLLRGRLAADGAESA
YTECLRLCRRLLWRQSMGESLDELSEELHRAWGGQSVDFLPGELHLGSMRRMLEILSRQALPLD
;
_entity_poly.pdbx_strand_id   A
#
# COMPACT_ATOMS: atom_id res chain seq x y z
N SER A 2 -20.61 1.34 -2.03
CA SER A 2 -21.97 1.13 -1.53
C SER A 2 -22.13 -0.28 -0.97
N HIS A 3 -21.03 -1.01 -0.82
CA HIS A 3 -21.06 -2.34 -0.21
C HIS A 3 -20.73 -2.24 1.27
N MET A 4 -21.60 -2.80 2.12
CA MET A 4 -21.44 -2.65 3.56
C MET A 4 -20.11 -3.20 4.06
N LEU A 5 -19.50 -4.16 3.36
CA LEU A 5 -18.24 -4.76 3.80
C LEU A 5 -17.02 -3.96 3.35
N ARG A 6 -17.22 -2.88 2.60
CA ARG A 6 -16.13 -2.06 2.09
C ARG A 6 -16.38 -0.60 2.48
N LEU A 7 -15.55 -0.08 3.38
CA LEU A 7 -15.61 1.33 3.77
C LEU A 7 -14.61 2.10 2.90
N SER A 8 -15.14 2.99 2.07
CA SER A 8 -14.33 3.66 1.05
C SER A 8 -14.67 5.13 0.99
N ALA A 9 -14.92 5.74 2.15
CA ALA A 9 -15.22 7.14 2.22
C ALA A 9 -14.18 7.83 3.10
N PRO A 10 -13.78 9.05 2.78
CA PRO A 10 -12.85 9.77 3.66
C PRO A 10 -13.53 10.07 4.99
N GLY A 11 -12.71 10.20 6.02
CA GLY A 11 -13.20 10.49 7.34
C GLY A 11 -13.06 9.30 8.25
N GLN A 12 -13.86 9.30 9.31
CA GLN A 12 -13.70 8.32 10.38
C GLN A 12 -14.16 6.94 9.94
N LEU A 13 -13.33 5.94 10.22
CA LEU A 13 -13.60 4.54 9.87
C LEU A 13 -13.83 3.66 11.09
N ASP A 14 -13.25 4.04 12.22
CA ASP A 14 -13.35 3.29 13.46
C ASP A 14 -13.07 4.29 14.57
N ASP A 15 -13.27 3.86 15.83
CA ASP A 15 -13.05 4.76 16.95
C ASP A 15 -11.67 5.39 16.93
N ASP A 16 -10.67 4.68 16.41
CA ASP A 16 -9.30 5.15 16.46
C ASP A 16 -8.74 5.52 15.09
N LEU A 17 -9.54 5.45 14.02
CA LEU A 17 -8.99 5.40 12.67
C LEU A 17 -9.76 6.30 11.70
N CYS A 18 -9.03 7.06 10.90
CA CYS A 18 -9.62 7.84 9.82
C CYS A 18 -8.89 7.58 8.51
N LEU A 19 -9.62 7.81 7.41
CA LEU A 19 -9.03 7.79 6.08
C LEU A 19 -8.84 9.25 5.67
N LEU A 20 -7.60 9.62 5.34
CA LEU A 20 -7.27 10.95 4.85
C LEU A 20 -7.04 10.91 3.33
N GLY A 21 -7.45 11.97 2.66
CA GLY A 21 -7.18 12.08 1.24
C GLY A 21 -8.11 11.23 0.38
N ASP A 22 -7.54 10.73 -0.70
CA ASP A 22 -8.26 10.00 -1.73
C ASP A 22 -8.29 8.51 -1.37
N VAL A 23 -9.48 7.93 -1.36
CA VAL A 23 -9.62 6.51 -1.06
C VAL A 23 -8.77 5.66 -1.98
N GLN A 24 -8.51 6.12 -3.21
CA GLN A 24 -7.73 5.25 -4.07
C GLN A 24 -6.23 5.27 -3.76
N VAL A 25 -5.73 6.32 -3.09
CA VAL A 25 -4.35 6.33 -2.56
C VAL A 25 -4.37 6.91 -1.16
N PRO A 26 -4.95 6.20 -0.19
CA PRO A 26 -5.30 6.82 1.09
C PRO A 26 -4.14 6.86 2.06
N VAL A 27 -4.22 7.80 3.00
CA VAL A 27 -3.35 7.81 4.17
C VAL A 27 -4.24 7.61 5.39
N PHE A 28 -3.86 6.64 6.22
CA PHE A 28 -4.68 6.30 7.38
C PHE A 28 -4.15 6.99 8.63
N LEU A 29 -5.06 7.51 9.45
CA LEU A 29 -4.71 8.25 10.65
C LEU A 29 -5.14 7.43 11.86
N LEU A 30 -4.18 7.10 12.73
CA LEU A 30 -4.43 6.40 13.98
C LEU A 30 -4.31 7.34 15.16
N ARG A 31 -5.34 7.37 16.02
CA ARG A 31 -5.24 8.11 17.28
C ARG A 31 -4.64 7.19 18.34
N LEU A 32 -3.44 7.52 18.81
CA LEU A 32 -2.71 6.69 19.77
C LEU A 32 -3.01 7.09 21.22
N GLY A 33 -3.40 8.34 21.44
CA GLY A 33 -3.80 8.82 22.75
C GLY A 33 -4.38 10.20 22.61
N GLU A 34 -4.55 10.88 23.76
CA GLU A 34 -5.06 12.24 23.75
C GLU A 34 -4.18 13.16 22.92
N ALA A 35 -2.87 12.96 22.97
CA ALA A 35 -1.94 13.85 22.28
C ALA A 35 -0.95 13.10 21.40
N SER A 36 -1.36 11.98 20.80
CA SER A 36 -0.46 11.18 19.99
C SER A 36 -1.20 10.53 18.83
N TRP A 37 -0.58 10.56 17.64
CA TRP A 37 -1.19 10.05 16.43
C TRP A 37 -0.13 9.37 15.57
N ALA A 38 -0.59 8.49 14.67
CA ALA A 38 0.28 7.92 13.64
C ALA A 38 -0.41 7.94 12.28
N LEU A 39 0.40 7.96 11.23
CA LEU A 39 -0.07 7.78 9.86
C LEU A 39 0.38 6.41 9.36
N VAL A 40 -0.42 5.80 8.49
CA VAL A 40 -0.07 4.55 7.83
C VAL A 40 -0.31 4.70 6.33
N GLU A 41 0.70 4.33 5.53
CA GLU A 41 0.83 4.50 4.08
C GLU A 41 1.20 5.95 3.73
N GLY A 42 1.99 6.13 2.67
CA GLY A 42 2.57 7.42 2.36
C GLY A 42 2.25 8.04 1.00
N GLY A 43 1.27 7.50 0.29
CA GLY A 43 0.57 8.12 -0.84
C GLY A 43 1.41 8.62 -2.01
N ILE A 44 0.81 9.55 -2.78
CA ILE A 44 1.45 10.18 -3.92
C ILE A 44 1.71 11.65 -3.59
N SER A 45 2.78 12.19 -4.19
CA SER A 45 3.25 13.53 -3.81
C SER A 45 2.18 14.61 -4.04
N ARG A 46 1.48 14.55 -5.17
CA ARG A 46 0.53 15.61 -5.50
C ARG A 46 -0.61 15.74 -4.49
N ASP A 47 -0.78 14.77 -3.60
CA ASP A 47 -1.85 14.84 -2.60
C ASP A 47 -1.40 15.51 -1.31
N ALA A 48 -0.19 16.09 -1.30
CA ALA A 48 0.34 16.67 -0.07
C ALA A 48 -0.65 17.63 0.58
N GLU A 49 -1.17 18.60 -0.18
CA GLU A 49 -2.04 19.59 0.44
C GLU A 49 -3.41 19.01 0.79
N LEU A 50 -3.93 18.10 -0.04
CA LEU A 50 -5.19 17.44 0.31
C LEU A 50 -5.06 16.67 1.63
N VAL A 51 -4.06 15.80 1.72
CA VAL A 51 -3.86 15.02 2.94
C VAL A 51 -3.59 15.95 4.12
N TRP A 52 -2.73 16.96 3.92
CA TRP A 52 -2.45 17.91 5.00
C TRP A 52 -3.73 18.58 5.48
N ALA A 53 -4.55 19.05 4.53
CA ALA A 53 -5.82 19.68 4.93
C ALA A 53 -6.66 18.72 5.76
N ASP A 54 -6.82 17.48 5.29
CA ASP A 54 -7.60 16.50 6.06
C ASP A 54 -6.98 16.25 7.44
N LEU A 55 -5.66 16.07 7.49
CA LEU A 55 -4.97 15.81 8.75
C LEU A 55 -5.30 16.91 9.76
N CYS A 56 -5.19 18.17 9.33
CA CYS A 56 -5.39 19.29 10.25
C CYS A 56 -6.82 19.41 10.73
N ARG A 57 -7.77 18.79 10.02
CA ARG A 57 -9.14 18.79 10.49
C ARG A 57 -9.37 17.82 11.63
N TRP A 58 -8.48 16.85 11.80
CA TRP A 58 -8.58 15.91 12.91
C TRP A 58 -7.59 16.21 14.02
N VAL A 59 -6.42 16.73 13.67
CA VAL A 59 -5.28 16.86 14.57
C VAL A 59 -5.01 18.35 14.72
N ALA A 60 -5.34 18.90 15.90
CA ALA A 60 -5.23 20.35 16.10
C ALA A 60 -3.78 20.81 16.12
N ASP A 61 -2.86 19.97 16.60
CA ASP A 61 -1.44 20.29 16.71
C ASP A 61 -0.65 19.17 16.03
N PRO A 62 -0.19 19.39 14.79
CA PRO A 62 0.48 18.31 14.05
C PRO A 62 1.81 17.87 14.62
N SER A 63 2.36 18.54 15.64
CA SER A 63 3.55 18.01 16.28
C SER A 63 3.24 16.78 17.13
N GLN A 64 1.95 16.46 17.32
CA GLN A 64 1.55 15.23 18.00
C GLN A 64 1.56 13.99 17.09
N VAL A 65 1.82 14.16 15.79
CA VAL A 65 1.93 13.01 14.89
C VAL A 65 3.31 12.42 15.09
N HIS A 66 3.38 11.25 15.74
CA HIS A 66 4.65 10.70 16.21
C HIS A 66 5.25 9.62 15.31
N TYR A 67 4.44 8.90 14.54
CA TYR A 67 4.95 7.82 13.72
C TYR A 67 4.30 7.87 12.35
N TRP A 68 4.99 7.31 11.36
CA TRP A 68 4.44 7.21 10.00
C TRP A 68 4.92 5.87 9.44
N LEU A 69 4.00 4.92 9.26
CA LEU A 69 4.35 3.55 8.90
C LEU A 69 4.22 3.37 7.40
N ILE A 70 5.18 2.64 6.80
CA ILE A 70 5.31 2.55 5.35
C ILE A 70 5.44 1.09 4.94
N THR A 71 4.57 0.65 4.00
CA THR A 71 4.60 -0.77 3.61
C THR A 71 5.69 -1.07 2.59
N HIS A 72 5.94 -0.17 1.64
CA HIS A 72 6.98 -0.45 0.64
C HIS A 72 7.32 0.84 -0.10
N LYS A 73 8.33 0.73 -0.97
CA LYS A 73 9.01 1.87 -1.56
C LYS A 73 8.37 2.36 -2.85
N HIS A 74 7.32 1.72 -3.34
CA HIS A 74 6.74 2.18 -4.60
C HIS A 74 6.29 3.62 -4.49
N TYR A 75 6.32 4.32 -5.65
CA TYR A 75 6.14 5.77 -5.67
C TYR A 75 4.79 6.19 -5.12
N ASP A 76 3.78 5.31 -5.19
CA ASP A 76 2.44 5.62 -4.72
C ASP A 76 2.25 5.26 -3.24
N HIS A 77 3.31 4.85 -2.54
CA HIS A 77 3.20 4.52 -1.13
C HIS A 77 4.19 5.27 -0.27
N CYS A 78 4.94 6.22 -0.86
CA CYS A 78 5.83 7.04 -0.06
C CYS A 78 6.03 8.43 -0.66
N GLY A 79 5.26 8.81 -1.69
CA GLY A 79 5.48 10.10 -2.36
C GLY A 79 5.25 11.31 -1.50
N LEU A 80 4.49 11.17 -0.41
CA LEU A 80 4.19 12.31 0.45
C LEU A 80 5.29 12.62 1.45
N LEU A 81 6.16 11.65 1.74
CA LEU A 81 7.16 11.79 2.82
C LEU A 81 7.98 13.07 2.74
N PRO A 82 8.61 13.42 1.62
CA PRO A 82 9.40 14.67 1.60
C PRO A 82 8.57 15.92 1.80
N TYR A 83 7.30 15.91 1.38
CA TYR A 83 6.49 17.12 1.39
C TYR A 83 5.78 17.37 2.71
N LEU A 84 5.49 16.34 3.49
CA LEU A 84 4.78 16.53 4.74
C LEU A 84 5.63 16.35 5.99
N CYS A 85 6.68 15.52 5.96
CA CYS A 85 7.53 15.36 7.14
C CYS A 85 8.07 16.70 7.64
N PRO A 86 8.47 17.65 6.79
CA PRO A 86 8.79 19.00 7.30
C PRO A 86 7.69 19.62 8.13
N ARG A 87 6.43 19.33 7.85
CA ARG A 87 5.35 19.88 8.65
C ARG A 87 5.03 19.05 9.87
N LEU A 88 5.76 17.95 10.10
CA LEU A 88 5.51 17.04 11.21
C LEU A 88 6.81 16.92 12.01
N PRO A 89 7.11 17.88 12.88
CA PRO A 89 8.46 17.95 13.49
C PRO A 89 8.81 16.73 14.34
N ASN A 90 7.83 16.06 14.92
CA ASN A 90 8.08 14.93 15.81
C ASN A 90 7.85 13.57 15.18
N VAL A 91 7.66 13.49 13.86
CA VAL A 91 7.31 12.20 13.26
C VAL A 91 8.56 11.37 13.02
N GLN A 92 8.43 10.06 13.24
CA GLN A 92 9.42 9.08 12.88
C GLN A 92 8.84 8.16 11.83
N VAL A 93 9.45 8.11 10.66
CA VAL A 93 9.02 7.19 9.60
C VAL A 93 9.56 5.80 9.91
N LEU A 94 8.66 4.81 9.97
CA LEU A 94 9.00 3.42 10.24
C LEU A 94 8.84 2.62 8.95
N ALA A 95 9.96 2.14 8.41
CA ALA A 95 9.99 1.41 7.16
C ALA A 95 10.98 0.26 7.29
N SER A 96 10.85 -0.72 6.40
CA SER A 96 11.76 -1.85 6.46
C SER A 96 13.16 -1.42 6.03
N GLU A 97 14.13 -2.33 6.20
CA GLU A 97 15.51 -2.02 5.86
C GLU A 97 15.65 -1.68 4.38
N ARG A 98 15.14 -2.56 3.50
CA ARG A 98 15.28 -2.31 2.06
C ARG A 98 14.49 -1.09 1.60
N THR A 99 13.33 -0.82 2.21
CA THR A 99 12.60 0.40 1.88
C THR A 99 13.44 1.63 2.21
N CYS A 100 14.08 1.63 3.39
CA CYS A 100 14.95 2.74 3.75
C CYS A 100 16.12 2.85 2.78
N GLN A 101 16.65 1.71 2.33
CA GLN A 101 17.75 1.72 1.37
C GLN A 101 17.33 2.39 0.07
N ALA A 102 16.08 2.19 -0.35
CA ALA A 102 15.62 2.85 -1.57
C ALA A 102 15.67 4.36 -1.45
N TRP A 103 15.44 4.90 -0.25
CA TRP A 103 15.47 6.35 -0.12
C TRP A 103 16.88 6.89 -0.04
N LYS A 104 17.87 6.04 0.16
CA LYS A 104 19.28 6.40 0.08
C LYS A 104 19.86 6.18 -1.31
N SER A 105 19.08 5.66 -2.25
CA SER A 105 19.56 5.43 -3.62
C SER A 105 19.12 6.59 -4.52
N GLU A 106 20.10 7.28 -5.09
CA GLU A 106 19.82 8.42 -5.94
C GLU A 106 18.96 8.01 -7.15
N SER A 107 19.23 6.84 -7.71
CA SER A 107 18.50 6.38 -8.88
C SER A 107 17.09 5.94 -8.53
N ALA A 108 16.91 5.27 -7.38
CA ALA A 108 15.57 4.85 -6.97
C ALA A 108 14.71 6.07 -6.67
N VAL A 109 15.24 7.01 -5.90
CA VAL A 109 14.52 8.25 -5.61
C VAL A 109 14.17 8.98 -6.89
N ARG A 110 15.02 8.88 -7.91
CA ARG A 110 14.78 9.59 -9.17
C ARG A 110 13.53 9.06 -9.86
N VAL A 111 13.39 7.73 -9.91
CA VAL A 111 12.17 7.13 -10.46
C VAL A 111 10.96 7.58 -9.66
N VAL A 112 11.04 7.52 -8.33
CA VAL A 112 9.91 7.91 -7.47
C VAL A 112 9.46 9.35 -7.76
N GLU A 113 10.42 10.27 -7.91
CA GLU A 113 10.02 11.65 -8.16
C GLU A 113 9.41 11.81 -9.54
N ARG A 114 9.96 11.10 -10.54
CA ARG A 114 9.47 11.21 -11.91
C ARG A 114 8.04 10.68 -12.03
N LEU A 115 7.77 9.50 -11.46
CA LEU A 115 6.42 8.97 -11.47
C LEU A 115 5.45 9.91 -10.78
N ASN A 116 5.87 10.49 -9.66
CA ASN A 116 4.95 11.35 -8.91
C ASN A 116 4.70 12.67 -9.64
N ARG A 117 5.69 13.20 -10.35
CA ARG A 117 5.47 14.46 -11.05
C ARG A 117 4.50 14.30 -12.22
N GLN A 118 4.44 13.12 -12.82
CA GLN A 118 3.45 12.83 -13.84
C GLN A 118 2.03 12.93 -13.32
N LEU A 119 1.83 12.89 -12.01
CA LEU A 119 0.50 12.99 -11.42
C LEU A 119 0.13 14.41 -11.03
N LEU A 120 1.01 15.37 -11.25
CA LEU A 120 0.71 16.76 -10.90
C LEU A 120 -0.29 17.34 -11.90
N ARG A 121 -1.29 18.05 -11.39
CA ARG A 121 -2.31 18.63 -12.26
C ARG A 121 -1.84 19.93 -12.89
N GLN A 124 -0.41 22.81 -10.61
CA GLN A 124 0.00 22.84 -9.21
C GLN A 124 1.50 22.62 -9.09
N ARG A 125 2.05 23.06 -7.96
CA ARG A 125 3.44 22.78 -7.61
C ARG A 125 3.49 22.35 -6.15
N LEU A 126 4.52 21.56 -5.83
CA LEU A 126 4.57 20.85 -4.57
C LEU A 126 5.10 21.73 -3.44
N PRO A 127 4.75 21.40 -2.20
CA PRO A 127 5.37 22.10 -1.06
C PRO A 127 6.88 21.92 -1.09
N GLU A 128 7.57 22.73 -0.29
CA GLU A 128 9.01 22.57 -0.16
C GLU A 128 9.31 21.25 0.52
N ALA A 129 10.18 20.46 -0.10
CA ALA A 129 10.46 19.11 0.38
C ALA A 129 11.85 19.04 1.01
N CYS A 130 11.95 18.25 2.07
CA CYS A 130 13.27 17.89 2.55
C CYS A 130 13.85 16.78 1.65
N ALA A 131 15.15 16.54 1.80
CA ALA A 131 15.79 15.52 0.97
C ALA A 131 15.32 14.14 1.37
N TRP A 132 15.26 13.24 0.40
CA TRP A 132 14.90 11.86 0.71
C TRP A 132 15.84 11.25 1.73
N ASP A 133 17.15 11.44 1.54
CA ASP A 133 18.11 10.87 2.49
C ASP A 133 18.10 11.56 3.84
N ALA A 134 17.36 12.67 3.99
CA ALA A 134 17.27 13.38 5.25
C ALA A 134 15.96 13.10 5.98
N LEU A 135 15.20 12.11 5.53
CA LEU A 135 13.91 11.81 6.16
C LEU A 135 14.13 11.24 7.56
N PRO A 136 13.27 11.56 8.52
CA PRO A 136 13.43 11.06 9.89
C PRO A 136 13.01 9.60 10.01
N VAL A 137 13.81 8.69 9.45
CA VAL A 137 13.43 7.29 9.33
C VAL A 137 14.06 6.47 10.45
N ARG A 138 13.42 5.34 10.75
CA ARG A 138 13.99 4.31 11.62
C ARG A 138 13.64 2.97 11.00
N ALA A 139 14.64 2.26 10.49
CA ALA A 139 14.40 0.93 9.94
C ALA A 139 13.77 0.03 10.99
N VAL A 140 12.89 -0.88 10.54
CA VAL A 140 12.25 -1.85 11.42
C VAL A 140 12.39 -3.21 10.78
N ALA A 141 12.40 -4.26 11.61
CA ALA A 141 12.73 -5.60 11.17
C ALA A 141 11.51 -6.50 11.16
N ASP A 142 11.60 -7.57 10.37
CA ASP A 142 10.58 -8.61 10.34
C ASP A 142 10.35 -9.15 11.74
N GLY A 143 9.09 -9.14 12.18
CA GLY A 143 8.76 -9.58 13.51
C GLY A 143 8.85 -8.53 14.59
N GLU A 144 9.40 -7.35 14.29
CA GLU A 144 9.52 -6.32 15.30
C GLU A 144 8.14 -5.84 15.78
N TRP A 145 8.04 -5.60 17.09
CA TRP A 145 6.81 -5.06 17.68
C TRP A 145 6.91 -3.54 17.73
N LEU A 146 5.88 -2.87 17.22
CA LEU A 146 5.81 -1.42 17.21
C LEU A 146 4.85 -1.00 18.32
N GLU A 147 5.39 -0.58 19.46
CA GLU A 147 4.61 -0.09 20.59
C GLU A 147 4.27 1.37 20.35
N LEU A 148 3.24 1.58 19.52
CA LEU A 148 2.88 2.93 19.11
C LEU A 148 2.20 3.71 20.22
N GLY A 149 1.42 3.02 21.05
CA GLY A 149 0.76 3.67 22.17
C GLY A 149 0.15 2.64 23.10
N PRO A 150 -0.50 3.13 24.16
CA PRO A 150 -1.06 2.21 25.18
C PRO A 150 -2.04 1.21 24.61
N ARG A 151 -2.79 1.57 23.57
CA ARG A 151 -3.75 0.65 22.97
C ARG A 151 -3.40 0.30 21.52
N HIS A 152 -2.17 0.56 21.08
CA HIS A 152 -1.75 0.22 19.72
C HIS A 152 -0.39 -0.48 19.73
N ARG A 153 -0.40 -1.79 19.52
CA ARG A 153 0.79 -2.59 19.33
C ARG A 153 0.65 -3.30 18.00
N LEU A 154 1.54 -2.98 17.06
CA LEU A 154 1.49 -3.54 15.70
C LEU A 154 2.78 -4.29 15.41
N GLN A 155 2.66 -5.50 14.88
CA GLN A 155 3.83 -6.27 14.52
C GLN A 155 4.19 -6.05 13.05
N VAL A 156 5.47 -5.81 12.78
CA VAL A 156 5.98 -5.81 11.42
C VAL A 156 6.06 -7.25 10.92
N ILE A 157 5.51 -7.51 9.73
CA ILE A 157 5.57 -8.83 9.10
C ILE A 157 6.09 -8.68 7.68
N GLU A 158 7.22 -9.33 7.38
CA GLU A 158 7.77 -9.29 6.03
C GLU A 158 6.81 -9.96 5.05
N ALA A 159 6.54 -9.29 3.94
CA ALA A 159 5.55 -9.76 2.97
C ALA A 159 6.04 -9.45 1.56
N HIS A 160 7.15 -10.08 1.18
CA HIS A 160 7.78 -9.85 -0.11
C HIS A 160 7.00 -10.55 -1.23
N GLY A 161 7.25 -10.12 -2.46
CA GLY A 161 6.62 -10.71 -3.63
C GLY A 161 6.02 -9.65 -4.52
N HIS A 162 5.12 -8.84 -3.96
CA HIS A 162 4.69 -7.66 -4.69
C HIS A 162 5.89 -6.78 -5.03
N SER A 163 6.79 -6.60 -4.07
CA SER A 163 8.05 -5.90 -4.23
C SER A 163 9.02 -6.53 -3.24
N ASP A 164 10.33 -6.32 -3.47
CA ASP A 164 11.33 -7.04 -2.68
C ASP A 164 11.54 -6.46 -1.29
N ASP A 165 10.86 -5.35 -0.95
CA ASP A 165 10.99 -4.69 0.34
C ASP A 165 9.70 -4.69 1.15
N HIS A 166 8.63 -5.29 0.64
CA HIS A 166 7.29 -5.03 1.13
C HIS A 166 7.06 -5.65 2.51
N VAL A 167 6.39 -4.91 3.40
CA VAL A 167 6.00 -5.43 4.71
C VAL A 167 4.56 -5.03 4.99
N VAL A 168 3.96 -5.74 5.95
CA VAL A 168 2.62 -5.42 6.44
C VAL A 168 2.70 -5.16 7.94
N PHE A 169 1.65 -4.56 8.47
CA PHE A 169 1.59 -4.21 9.89
C PHE A 169 0.29 -4.77 10.46
N TYR A 170 0.39 -5.51 11.57
CA TYR A 170 -0.74 -6.26 12.11
C TYR A 170 -1.03 -5.80 13.53
N ASP A 171 -2.25 -5.33 13.75
CA ASP A 171 -2.70 -4.86 15.05
C ASP A 171 -3.48 -6.02 15.68
N VAL A 172 -2.87 -6.73 16.63
CA VAL A 172 -3.53 -7.97 17.03
C VAL A 172 -4.70 -7.69 17.97
N ARG A 173 -4.63 -6.61 18.76
CA ARG A 173 -5.78 -6.20 19.57
C ARG A 173 -7.04 -6.04 18.71
N ARG A 174 -6.87 -5.57 17.47
CA ARG A 174 -8.01 -5.26 16.62
C ARG A 174 -8.21 -6.22 15.47
N ARG A 175 -7.37 -7.26 15.36
CA ARG A 175 -7.39 -8.17 14.20
C ARG A 175 -7.37 -7.35 12.90
N ARG A 176 -6.49 -6.34 12.87
CA ARG A 176 -6.44 -5.35 11.80
C ARG A 176 -5.10 -5.50 11.08
N LEU A 177 -5.15 -5.76 9.78
CA LEU A 177 -3.95 -5.91 8.97
C LEU A 177 -3.88 -4.78 7.95
N PHE A 178 -2.87 -3.93 8.05
CA PHE A 178 -2.50 -3.01 6.96
C PHE A 178 -1.63 -3.80 6.01
N CYS A 179 -2.19 -4.25 4.87
CA CYS A 179 -1.51 -5.22 4.02
C CYS A 179 -0.87 -4.60 2.77
N GLY A 180 -0.85 -3.28 2.63
CA GLY A 180 -0.23 -2.69 1.45
C GLY A 180 -0.76 -3.30 0.16
N ASP A 181 0.13 -3.67 -0.75
CA ASP A 181 -0.26 -4.28 -2.03
C ASP A 181 -0.01 -5.78 -2.08
N ALA A 182 0.30 -6.41 -0.93
CA ALA A 182 0.71 -7.80 -0.93
C ALA A 182 -0.42 -8.75 -1.31
N LEU A 183 -1.67 -8.32 -1.19
CA LEU A 183 -2.80 -9.13 -1.64
C LEU A 183 -3.27 -8.74 -3.03
N GLY A 184 -2.69 -7.69 -3.60
CA GLY A 184 -3.09 -7.21 -4.89
C GLY A 184 -4.00 -6.00 -4.80
N GLU A 185 -4.76 -5.82 -5.88
CA GLU A 185 -5.68 -4.70 -6.05
C GLU A 185 -7.08 -5.23 -5.90
N PHE A 186 -7.84 -4.67 -4.95
CA PHE A 186 -9.20 -5.15 -4.74
C PHE A 186 -10.13 -4.64 -5.85
N ASP A 187 -10.85 -5.56 -6.48
CA ASP A 187 -11.73 -5.22 -7.59
C ASP A 187 -13.06 -4.71 -7.02
N GLU A 188 -13.31 -3.41 -7.17
CA GLU A 188 -14.50 -2.81 -6.59
C GLU A 188 -15.77 -3.33 -7.24
N ALA A 189 -15.75 -3.56 -8.55
CA ALA A 189 -16.97 -3.97 -9.22
C ALA A 189 -17.30 -5.44 -8.95
N GLU A 190 -16.28 -6.27 -8.74
CA GLU A 190 -16.46 -7.71 -8.68
C GLU A 190 -16.18 -8.34 -7.32
N GLY A 191 -15.59 -7.60 -6.37
CA GLY A 191 -15.40 -8.17 -5.05
C GLY A 191 -14.33 -9.23 -4.94
N VAL A 192 -13.33 -9.22 -5.85
CA VAL A 192 -12.24 -10.18 -5.83
C VAL A 192 -10.91 -9.44 -5.94
N TRP A 193 -9.85 -10.12 -5.55
CA TRP A 193 -8.52 -9.56 -5.62
C TRP A 193 -7.93 -9.74 -7.03
N ARG A 194 -7.34 -8.65 -7.55
CA ARG A 194 -6.52 -8.70 -8.76
C ARG A 194 -5.06 -8.80 -8.36
N PRO A 195 -4.29 -9.80 -8.82
CA PRO A 195 -2.91 -9.95 -8.37
C PRO A 195 -1.99 -8.82 -8.82
N LEU A 196 -1.06 -8.47 -7.96
CA LEU A 196 -0.01 -7.48 -8.25
C LEU A 196 1.34 -8.15 -7.97
N VAL A 197 1.71 -9.11 -8.81
CA VAL A 197 2.97 -9.84 -8.64
C VAL A 197 4.01 -9.13 -9.49
N PHE A 198 4.70 -8.16 -8.89
CA PHE A 198 5.63 -7.33 -9.63
C PHE A 198 7.08 -7.59 -9.26
N ASP A 199 7.36 -8.52 -8.34
CA ASP A 199 8.76 -8.84 -8.09
C ASP A 199 9.05 -10.35 -8.15
N ASP A 200 8.31 -11.16 -7.39
CA ASP A 200 8.63 -12.59 -7.26
C ASP A 200 7.35 -13.35 -6.92
N MET A 201 6.90 -14.21 -7.83
CA MET A 201 5.66 -14.95 -7.59
C MET A 201 5.77 -15.88 -6.39
N GLU A 202 6.88 -16.61 -6.27
CA GLU A 202 7.05 -17.55 -5.17
C GLU A 202 7.02 -16.83 -3.82
N ALA A 203 7.70 -15.68 -3.73
CA ALA A 203 7.66 -14.92 -2.48
C ALA A 203 6.25 -14.37 -2.22
N TYR A 204 5.57 -13.90 -3.27
CA TYR A 204 4.22 -13.36 -3.15
C TYR A 204 3.26 -14.39 -2.57
N LEU A 205 3.32 -15.61 -3.08
CA LEU A 205 2.43 -16.67 -2.65
C LEU A 205 2.79 -17.16 -1.24
N GLU A 206 4.09 -17.17 -0.91
CA GLU A 206 4.50 -17.58 0.42
C GLU A 206 4.11 -16.54 1.47
N SER A 207 4.14 -15.26 1.12
CA SER A 207 3.65 -14.24 2.04
C SER A 207 2.17 -14.45 2.33
N LEU A 208 1.39 -14.75 1.30
CA LEU A 208 -0.04 -14.97 1.49
C LEU A 208 -0.30 -16.20 2.36
N GLU A 209 0.49 -17.26 2.18
CA GLU A 209 0.40 -18.45 3.04
C GLU A 209 0.59 -18.09 4.50
N ARG A 210 1.63 -17.32 4.80
CA ARG A 210 1.89 -16.88 6.18
C ARG A 210 0.80 -15.96 6.70
N LEU A 211 0.33 -15.01 5.89
CA LEU A 211 -0.71 -14.10 6.35
C LEU A 211 -2.01 -14.85 6.64
N GLN A 212 -2.31 -15.90 5.87
CA GLN A 212 -3.46 -16.74 6.17
C GLN A 212 -3.39 -17.37 7.55
N ARG A 213 -2.20 -17.50 8.12
CA ARG A 213 -2.08 -18.13 9.42
C ARG A 213 -2.23 -17.14 10.57
N LEU A 214 -2.32 -15.83 10.30
CA LEU A 214 -2.66 -14.89 11.35
C LEU A 214 -4.00 -15.27 11.98
N PRO A 215 -4.26 -14.84 13.22
CA PRO A 215 -5.61 -15.01 13.77
C PRO A 215 -6.60 -14.29 12.86
N THR A 216 -7.80 -14.88 12.74
CA THR A 216 -8.84 -14.40 11.84
C THR A 216 -8.96 -12.89 11.85
N LEU A 217 -8.91 -12.29 10.66
CA LEU A 217 -8.94 -10.85 10.53
C LEU A 217 -10.37 -10.32 10.67
N LEU A 218 -10.49 -9.17 11.31
CA LEU A 218 -11.73 -8.39 11.33
C LEU A 218 -11.69 -7.21 10.36
N GLN A 219 -10.51 -6.64 10.14
CA GLN A 219 -10.35 -5.46 9.30
C GLN A 219 -9.11 -5.65 8.43
N LEU A 220 -9.28 -5.47 7.12
CA LEU A 220 -8.18 -5.68 6.19
C LEU A 220 -8.04 -4.41 5.37
N ILE A 221 -6.85 -3.81 5.40
CA ILE A 221 -6.67 -2.45 4.89
C ILE A 221 -5.52 -2.44 3.88
N PRO A 222 -5.82 -2.66 2.60
CA PRO A 222 -4.75 -2.67 1.59
C PRO A 222 -4.23 -1.28 1.27
N GLY A 223 -3.34 -1.20 0.28
CA GLY A 223 -2.76 0.10 -0.10
C GLY A 223 -3.70 1.02 -0.84
N HIS A 224 -4.83 0.50 -1.33
CA HIS A 224 -5.75 1.26 -2.16
C HIS A 224 -7.15 0.76 -1.89
N GLY A 225 -8.13 1.67 -1.84
CA GLY A 225 -9.52 1.25 -1.90
C GLY A 225 -10.29 1.29 -0.60
N GLY A 226 -9.63 1.55 0.53
CA GLY A 226 -10.33 1.67 1.80
C GLY A 226 -10.19 0.48 2.72
N LEU A 227 -11.18 0.26 3.58
CA LEU A 227 -11.12 -0.77 4.60
C LEU A 227 -12.11 -1.88 4.27
N LEU A 228 -11.63 -3.14 4.31
CA LEU A 228 -12.48 -4.32 4.12
C LEU A 228 -12.75 -5.00 5.47
N ARG A 229 -13.97 -5.50 5.63
CA ARG A 229 -14.36 -6.12 6.90
C ARG A 229 -15.23 -7.34 6.60
N GLY A 230 -15.76 -7.95 7.67
CA GLY A 230 -16.55 -9.15 7.48
C GLY A 230 -15.73 -10.26 6.85
N ARG A 231 -16.36 -11.01 5.95
CA ARG A 231 -15.69 -12.14 5.31
C ARG A 231 -14.57 -11.68 4.39
N LEU A 232 -14.67 -10.47 3.83
CA LEU A 232 -13.60 -9.99 2.97
C LEU A 232 -12.30 -9.89 3.74
N ALA A 233 -12.38 -9.48 5.00
CA ALA A 233 -11.16 -9.47 5.82
C ALA A 233 -10.77 -10.88 6.23
N ALA A 234 -11.75 -11.68 6.71
CA ALA A 234 -11.44 -13.02 7.21
C ALA A 234 -10.81 -13.89 6.14
N ASP A 235 -11.29 -13.78 4.91
CA ASP A 235 -10.84 -14.64 3.82
C ASP A 235 -9.87 -13.96 2.88
N GLY A 236 -9.47 -12.71 3.17
CA GLY A 236 -8.67 -11.91 2.26
C GLY A 236 -7.42 -12.59 1.74
N ALA A 237 -6.52 -13.02 2.64
CA ALA A 237 -5.23 -13.59 2.21
C ALA A 237 -5.43 -14.86 1.40
N GLU A 238 -6.41 -15.68 1.78
CA GLU A 238 -6.68 -16.91 1.06
C GLU A 238 -7.21 -16.62 -0.34
N SER A 239 -8.17 -15.69 -0.44
CA SER A 239 -8.74 -15.34 -1.74
C SER A 239 -7.70 -14.75 -2.66
N ALA A 240 -6.82 -13.90 -2.12
CA ALA A 240 -5.73 -13.33 -2.91
C ALA A 240 -4.82 -14.41 -3.46
N TYR A 241 -4.50 -15.42 -2.63
CA TYR A 241 -3.73 -16.57 -3.10
C TYR A 241 -4.43 -17.26 -4.25
N THR A 242 -5.71 -17.60 -4.05
CA THR A 242 -6.53 -18.25 -5.06
C THR A 242 -6.57 -17.47 -6.37
N GLU A 243 -6.78 -16.15 -6.30
CA GLU A 243 -6.86 -15.35 -7.52
C GLU A 243 -5.52 -15.33 -8.26
N CYS A 244 -4.40 -15.38 -7.52
CA CYS A 244 -3.09 -15.44 -8.16
C CYS A 244 -2.91 -16.74 -8.94
N LEU A 245 -3.26 -17.88 -8.33
CA LEU A 245 -3.22 -19.15 -9.06
C LEU A 245 -4.14 -19.11 -10.25
N ARG A 246 -5.30 -18.48 -10.10
CA ARG A 246 -6.23 -18.37 -11.20
C ARG A 246 -5.59 -17.62 -12.37
N LEU A 247 -4.77 -16.60 -12.07
CA LEU A 247 -4.13 -15.85 -13.14
C LEU A 247 -3.03 -16.68 -13.81
N CYS A 248 -2.30 -17.48 -13.03
CA CYS A 248 -1.29 -18.36 -13.60
C CYS A 248 -1.92 -19.35 -14.56
N ARG A 249 -2.98 -20.04 -14.11
CA ARG A 249 -3.68 -20.99 -14.96
C ARG A 249 -4.16 -20.33 -16.24
N ARG A 250 -4.74 -19.14 -16.13
CA ARG A 250 -5.18 -18.42 -17.31
C ARG A 250 -4.03 -18.17 -18.25
N LEU A 251 -2.90 -17.71 -17.71
CA LEU A 251 -1.71 -17.42 -18.50
C LEU A 251 -1.24 -18.68 -19.22
N LEU A 252 -1.16 -19.79 -18.50
CA LEU A 252 -0.73 -21.06 -19.10
C LEU A 252 -1.68 -21.50 -20.21
N TRP A 253 -2.99 -21.38 -19.98
CA TRP A 253 -3.98 -21.71 -21.00
C TRP A 253 -3.70 -20.97 -22.31
N ARG A 254 -3.49 -19.66 -22.21
CA ARG A 254 -3.33 -18.85 -23.41
C ARG A 254 -1.99 -19.11 -24.09
N GLN A 255 -0.92 -19.19 -23.31
CA GLN A 255 0.36 -19.53 -23.90
C GLN A 255 0.29 -20.88 -24.59
N SER A 256 -0.48 -21.82 -24.03
CA SER A 256 -0.62 -23.15 -24.65
C SER A 256 -1.37 -23.09 -25.97
N MET A 257 -2.07 -21.98 -26.24
CA MET A 257 -2.66 -21.72 -27.54
C MET A 257 -1.77 -20.82 -28.39
N GLY A 258 -0.48 -20.71 -28.05
CA GLY A 258 0.44 -19.91 -28.84
C GLY A 258 0.32 -18.41 -28.72
N GLU A 259 -0.37 -17.91 -27.70
CA GLU A 259 -0.47 -16.46 -27.49
C GLU A 259 0.80 -15.88 -26.89
N SER A 260 1.09 -14.63 -27.27
CA SER A 260 2.22 -13.92 -26.69
C SER A 260 1.80 -13.22 -25.41
N LEU A 261 2.79 -12.93 -24.56
CA LEU A 261 2.50 -12.25 -23.30
C LEU A 261 1.84 -10.89 -23.54
N ASP A 262 2.06 -10.30 -24.71
CA ASP A 262 1.44 -9.00 -25.01
C ASP A 262 -0.08 -9.08 -25.07
N GLU A 263 -0.64 -10.25 -25.37
CA GLU A 263 -2.07 -10.34 -25.61
C GLU A 263 -2.86 -10.32 -24.30
N LEU A 264 -2.51 -11.21 -23.36
CA LEU A 264 -3.16 -11.11 -22.05
C LEU A 264 -2.79 -9.80 -21.37
N SER A 265 -1.60 -9.26 -21.65
CA SER A 265 -1.23 -7.97 -21.08
C SER A 265 -2.22 -6.90 -21.48
N GLU A 266 -2.56 -6.85 -22.78
CA GLU A 266 -3.50 -5.84 -23.27
C GLU A 266 -4.90 -6.11 -22.74
N GLU A 267 -5.31 -7.38 -22.68
CA GLU A 267 -6.61 -7.69 -22.11
C GLU A 267 -6.65 -7.33 -20.63
N LEU A 268 -5.60 -7.67 -19.87
CA LEU A 268 -5.56 -7.30 -18.45
C LEU A 268 -5.60 -5.80 -18.29
N HIS A 269 -4.82 -5.07 -19.10
CA HIS A 269 -4.81 -3.61 -18.98
C HIS A 269 -6.20 -3.05 -19.29
N ARG A 270 -6.82 -3.52 -20.37
CA ARG A 270 -8.18 -3.11 -20.70
C ARG A 270 -9.13 -3.41 -19.55
N ALA A 271 -9.08 -4.62 -18.99
CA ALA A 271 -10.07 -5.01 -18.01
C ALA A 271 -9.76 -4.43 -16.61
N TRP A 272 -8.50 -4.16 -16.30
CA TRP A 272 -8.14 -3.74 -14.95
C TRP A 272 -7.56 -2.34 -14.84
N GLY A 273 -7.18 -1.71 -15.96
CA GLY A 273 -6.49 -0.43 -15.88
C GLY A 273 -7.37 0.72 -15.44
N GLY A 274 -8.69 0.57 -15.48
CA GLY A 274 -9.57 1.68 -15.17
C GLY A 274 -9.49 2.13 -13.73
N GLN A 275 -9.27 1.20 -12.80
CA GLN A 275 -9.37 1.57 -11.38
C GLN A 275 -8.28 2.55 -10.95
N SER A 276 -7.07 2.46 -11.54
CA SER A 276 -5.91 3.19 -11.06
C SER A 276 -5.54 4.39 -11.94
N VAL A 277 -6.41 4.79 -12.86
CA VAL A 277 -6.02 5.79 -13.86
C VAL A 277 -5.72 7.15 -13.25
N ASP A 278 -6.21 7.43 -12.03
CA ASP A 278 -5.96 8.73 -11.40
C ASP A 278 -4.62 8.83 -10.69
N PHE A 279 -3.99 7.70 -10.37
CA PHE A 279 -2.69 7.73 -9.72
C PHE A 279 -1.65 6.91 -10.47
N LEU A 280 -1.98 6.40 -11.65
CA LEU A 280 -1.07 5.53 -12.39
C LEU A 280 -1.21 5.78 -13.89
N PRO A 281 -0.21 6.35 -14.54
CA PRO A 281 -0.31 6.55 -15.99
C PRO A 281 -0.58 5.25 -16.73
N GLY A 282 -1.42 5.34 -17.76
CA GLY A 282 -1.92 4.15 -18.42
C GLY A 282 -0.82 3.26 -19.00
N GLU A 283 0.25 3.88 -19.52
CA GLU A 283 1.35 3.06 -20.03
C GLU A 283 2.02 2.29 -18.90
N LEU A 284 2.10 2.88 -17.70
CA LEU A 284 2.70 2.19 -16.57
C LEU A 284 1.84 1.00 -16.13
N HIS A 285 0.51 1.14 -16.16
CA HIS A 285 -0.34 -0.01 -15.84
C HIS A 285 -0.12 -1.14 -16.83
N LEU A 286 -0.20 -0.84 -18.12
CA LEU A 286 0.08 -1.87 -19.12
C LEU A 286 1.46 -2.48 -18.94
N GLY A 287 2.49 -1.64 -18.73
CA GLY A 287 3.82 -2.16 -18.49
C GLY A 287 3.87 -3.07 -17.29
N SER A 288 3.23 -2.68 -16.19
CA SER A 288 3.22 -3.53 -15.00
C SER A 288 2.48 -4.85 -15.24
N MET A 289 1.41 -4.82 -16.03
CA MET A 289 0.73 -6.08 -16.35
C MET A 289 1.66 -6.99 -17.14
N ARG A 290 2.37 -6.41 -18.11
CA ARG A 290 3.37 -7.15 -18.86
C ARG A 290 4.43 -7.75 -17.95
N ARG A 291 4.95 -6.94 -17.02
CA ARG A 291 5.99 -7.44 -16.11
C ARG A 291 5.48 -8.57 -15.22
N MET A 292 4.24 -8.47 -14.75
CA MET A 292 3.68 -9.54 -13.91
C MET A 292 3.55 -10.83 -14.70
N LEU A 293 3.02 -10.76 -15.92
CA LEU A 293 2.90 -11.97 -16.73
C LEU A 293 4.26 -12.56 -17.03
N GLU A 294 5.25 -11.70 -17.29
CA GLU A 294 6.63 -12.17 -17.45
C GLU A 294 7.10 -12.93 -16.21
N ILE A 295 6.82 -12.38 -15.03
CA ILE A 295 7.23 -13.03 -13.78
C ILE A 295 6.51 -14.36 -13.61
N LEU A 296 5.19 -14.37 -13.78
CA LEU A 296 4.44 -15.63 -13.68
C LEU A 296 4.92 -16.64 -14.73
N SER A 297 5.25 -16.16 -15.93
CA SER A 297 5.57 -17.08 -17.02
C SER A 297 6.83 -17.86 -16.70
N ARG A 298 7.86 -17.19 -16.17
CA ARG A 298 9.08 -17.84 -15.73
C ARG A 298 8.78 -18.81 -14.59
N GLN A 299 8.39 -18.27 -13.44
CA GLN A 299 8.06 -19.07 -12.27
C GLN A 299 6.76 -19.84 -12.52
#